data_8KAD
#
_entry.id   8KAD
#
_cell.length_a   52.780
_cell.length_b   52.780
_cell.length_c   260.290
_cell.angle_alpha   90.00
_cell.angle_beta   90.00
_cell.angle_gamma   120.00
#
_symmetry.space_group_name_H-M   'P 65 2 2'
#
loop_
_entity.id
_entity.type
_entity.pdbx_description
1 polymer 'Antibody light chain'
2 water water
#
_entity_poly.entity_id   1
_entity_poly.type   'polypeptide(L)'
_entity_poly.pdbx_seq_one_letter_code
;MDVVMTQTPLSLSVTPGEPASISCRSTQSLLDSDGVNPSFDWYVQKPGQSPQLLIHRGFYRASGVPDRFSGSGSGTDFTL
RISRVEAEDVGVYYCMQRIEFPLTFGGGTKVEIKENLYFQ
;
_entity_poly.pdbx_strand_id   A,B
#
# COMPACT_ATOMS: atom_id res chain seq x y z
N ASP A 2 -4.76 17.31 7.58
CA ASP A 2 -4.49 15.90 7.86
C ASP A 2 -2.99 15.55 7.75
N VAL A 3 -2.42 15.67 6.54
CA VAL A 3 -0.99 15.42 6.33
C VAL A 3 -0.48 16.36 5.24
N VAL A 4 0.52 17.16 5.56
CA VAL A 4 1.01 18.24 4.71
C VAL A 4 2.43 17.91 4.25
N MET A 5 2.72 18.14 2.98
CA MET A 5 4.07 17.96 2.46
C MET A 5 4.59 19.28 1.91
N THR A 6 5.75 19.69 2.41
CA THR A 6 6.42 20.91 1.99
C THR A 6 7.70 20.52 1.27
N GLN A 7 7.79 20.89 0.00
CA GLN A 7 8.97 20.68 -0.81
C GLN A 7 9.72 21.99 -0.93
N THR A 8 11.04 21.96 -0.69
CA THR A 8 11.91 23.14 -0.62
C THR A 8 13.13 22.87 -1.50
N PRO A 9 13.49 23.76 -2.42
CA PRO A 9 12.78 24.98 -2.82
C PRO A 9 11.76 24.65 -3.87
N LEU A 10 10.91 25.63 -4.19
CA LEU A 10 9.98 25.47 -5.30
C LEU A 10 10.63 25.84 -6.64
N SER A 11 11.82 26.43 -6.61
CA SER A 11 12.54 26.81 -7.83
C SER A 11 14.03 26.75 -7.56
N LEU A 12 14.79 26.33 -8.57
CA LEU A 12 16.23 26.14 -8.49
C LEU A 12 16.87 26.72 -9.75
N SER A 13 17.84 27.60 -9.58
CA SER A 13 18.68 28.02 -10.70
C SER A 13 20.07 27.47 -10.42
N VAL A 14 20.50 26.53 -11.25
CA VAL A 14 21.77 25.87 -11.06
C VAL A 14 22.54 26.03 -12.35
N THR A 15 23.86 26.03 -12.25
CA THR A 15 24.92 26.06 -13.25
C THR A 15 25.48 24.67 -13.44
N PRO A 16 25.73 24.28 -14.69
CA PRO A 16 26.21 22.92 -14.97
C PRO A 16 27.51 22.63 -14.25
N GLY A 17 27.60 21.44 -13.67
CA GLY A 17 28.76 21.05 -12.92
C GLY A 17 28.65 21.24 -11.42
N GLU A 18 27.74 22.11 -10.96
CA GLU A 18 27.47 22.50 -9.57
C GLU A 18 26.43 21.57 -8.95
N PRO A 19 26.54 21.20 -7.67
CA PRO A 19 25.55 20.30 -7.08
C PRO A 19 24.22 20.98 -6.89
N ALA A 20 23.20 20.14 -6.69
CA ALA A 20 21.85 20.63 -6.39
C ALA A 20 21.22 19.69 -5.39
N SER A 21 20.27 20.23 -4.63
CA SER A 21 19.66 19.48 -3.55
C SER A 21 18.24 19.98 -3.37
N ILE A 22 17.30 19.04 -3.22
CA ILE A 22 15.90 19.36 -3.01
C ILE A 22 15.42 18.56 -1.79
N SER A 23 14.65 19.21 -0.93
CA SER A 23 14.23 18.62 0.32
C SER A 23 12.71 18.52 0.33
N CYS A 24 12.22 17.52 1.04
CA CYS A 24 10.80 17.26 1.15
C CYS A 24 10.54 16.90 2.61
N ARG A 25 9.54 17.53 3.20
CA ARG A 25 9.26 17.35 4.62
C ARG A 25 7.76 17.15 4.79
N SER A 26 7.38 16.18 5.61
CA SER A 26 5.98 15.81 5.79
C SER A 26 5.54 15.95 7.24
N THR A 27 4.25 16.23 7.43
CA THR A 27 3.66 16.45 8.76
C THR A 27 2.74 15.32 9.20
N GLN A 28 2.99 14.08 8.74
CA GLN A 28 2.15 12.97 9.16
C GLN A 28 2.27 12.76 10.67
N SER A 29 1.14 12.88 11.37
CA SER A 29 1.11 12.57 12.79
C SER A 29 1.62 11.17 12.98
N LEU A 30 2.88 11.03 13.41
CA LEU A 30 3.45 9.71 13.66
C LEU A 30 2.64 8.98 14.74
N LEU A 31 2.58 7.66 14.60
CA LEU A 31 1.81 6.79 15.48
C LEU A 31 2.01 5.36 14.98
N ASP A 32 1.45 4.43 15.75
CA ASP A 32 1.44 3.00 15.39
C ASP A 32 2.80 2.49 14.92
N GLY A 35 0.72 7.66 9.85
CA GLY A 35 0.56 6.25 9.53
C GLY A 35 1.38 5.34 10.42
N VAL A 36 2.46 4.77 9.88
CA VAL A 36 3.32 3.83 10.59
C VAL A 36 4.69 3.93 9.91
N ASN A 37 4.69 3.74 8.60
CA ASN A 37 5.89 3.87 7.77
C ASN A 37 5.64 4.81 6.60
N PRO A 38 6.22 6.02 6.60
CA PRO A 38 6.22 6.84 5.40
C PRO A 38 7.41 6.46 4.52
N SER A 39 7.21 6.60 3.22
CA SER A 39 8.26 6.34 2.25
C SER A 39 8.17 7.44 1.19
N PHE A 40 9.30 7.89 0.67
CA PHE A 40 9.33 9.03 -0.25
C PHE A 40 9.96 8.60 -1.56
N ASP A 41 9.30 8.91 -2.67
CA ASP A 41 9.85 8.75 -4.01
C ASP A 41 10.04 10.10 -4.68
N TRP A 42 10.94 10.14 -5.64
CA TRP A 42 11.23 11.35 -6.41
C TRP A 42 11.05 11.06 -7.89
N TYR A 43 10.31 11.95 -8.56
CA TYR A 43 10.08 11.96 -10.00
C TYR A 43 10.56 13.26 -10.64
N VAL A 44 10.83 13.22 -11.95
CA VAL A 44 11.02 14.44 -12.72
C VAL A 44 10.09 14.39 -13.91
N GLN A 45 9.40 15.50 -14.17
CA GLN A 45 8.62 15.63 -15.38
C GLN A 45 9.30 16.65 -16.27
N LYS A 46 9.63 16.22 -17.48
CA LYS A 46 10.10 17.00 -18.60
C LYS A 46 9.09 16.96 -19.73
N PRO A 47 9.03 18.01 -20.55
CA PRO A 47 8.17 17.99 -21.73
C PRO A 47 8.52 16.86 -22.70
N GLY A 48 7.49 16.20 -23.22
CA GLY A 48 7.66 15.17 -24.23
C GLY A 48 7.92 13.79 -23.70
N GLN A 49 8.08 13.64 -22.40
CA GLN A 49 8.14 12.34 -21.77
C GLN A 49 7.06 12.28 -20.71
N SER A 50 6.66 11.07 -20.37
CA SER A 50 5.87 10.85 -19.19
C SER A 50 6.75 11.12 -17.98
N PRO A 51 6.15 11.33 -16.80
CA PRO A 51 6.99 11.54 -15.60
C PRO A 51 7.92 10.36 -15.41
N GLN A 52 9.10 10.62 -14.83
CA GLN A 52 10.11 9.58 -14.72
C GLN A 52 10.48 9.39 -13.26
N LEU A 53 10.50 8.13 -12.83
CA LEU A 53 10.91 7.82 -11.47
C LEU A 53 12.42 7.92 -11.37
N LEU A 54 12.90 8.63 -10.36
CA LEU A 54 14.32 8.77 -10.13
C LEU A 54 14.76 7.99 -8.90
N ILE A 55 14.10 8.23 -7.76
CA ILE A 55 14.49 7.63 -6.49
C ILE A 55 13.28 7.00 -5.83
N HIS A 56 13.44 5.76 -5.36
CA HIS A 56 12.38 4.98 -4.75
C HIS A 56 12.71 4.77 -3.27
N ARG A 57 11.71 4.96 -2.42
CA ARG A 57 11.81 4.72 -0.97
C ARG A 57 13.06 5.38 -0.38
N GLY A 58 13.20 6.68 -0.64
CA GLY A 58 14.27 7.44 -0.03
C GLY A 58 15.64 7.31 -0.66
N PHE A 59 16.05 6.07 -1.01
CA PHE A 59 17.47 5.79 -1.25
C PHE A 59 17.81 5.12 -2.58
N TYR A 60 16.88 4.43 -3.24
CA TYR A 60 17.22 3.54 -4.33
C TYR A 60 17.00 4.22 -5.68
N ARG A 61 17.99 4.13 -6.56
CA ARG A 61 17.91 4.72 -7.89
C ARG A 61 17.24 3.76 -8.88
N ALA A 62 16.40 4.29 -9.76
CA ALA A 62 15.85 3.43 -10.80
C ALA A 62 16.89 3.10 -11.85
N SER A 63 16.68 1.98 -12.55
CA SER A 63 17.59 1.54 -13.58
C SER A 63 17.60 2.53 -14.74
N GLY A 64 18.80 2.85 -15.24
CA GLY A 64 18.96 3.76 -16.34
C GLY A 64 18.95 5.23 -15.97
N VAL A 65 18.81 5.54 -14.68
CA VAL A 65 18.92 6.91 -14.18
C VAL A 65 20.40 7.22 -13.95
N PRO A 66 20.92 8.36 -14.43
CA PRO A 66 22.34 8.63 -14.22
C PRO A 66 22.69 8.58 -12.73
N ASP A 67 23.90 8.15 -12.44
CA ASP A 67 24.31 8.01 -11.04
C ASP A 67 24.59 9.34 -10.36
N ARG A 68 24.43 10.48 -11.06
CA ARG A 68 24.56 11.73 -10.33
C ARG A 68 23.40 11.96 -9.38
N PHE A 69 22.34 11.15 -9.48
CA PHE A 69 21.16 11.24 -8.63
C PHE A 69 21.27 10.30 -7.45
N SER A 70 21.02 10.81 -6.25
CA SER A 70 20.97 10.00 -5.05
C SER A 70 19.94 10.60 -4.12
N GLY A 71 19.54 9.84 -3.10
CA GLY A 71 18.68 10.36 -2.06
C GLY A 71 19.21 9.95 -0.70
N SER A 72 18.73 10.67 0.33
CA SER A 72 19.02 10.33 1.71
C SER A 72 17.95 10.93 2.60
N GLY A 73 17.93 10.54 3.87
CA GLY A 73 17.04 11.17 4.82
C GLY A 73 16.52 10.21 5.86
N SER A 74 15.58 10.72 6.67
CA SER A 74 15.06 9.95 7.79
C SER A 74 13.75 10.55 8.27
N GLY A 75 12.92 9.70 8.88
CA GLY A 75 11.65 10.15 9.45
C GLY A 75 10.68 10.67 8.41
N THR A 76 10.40 11.96 8.44
CA THR A 76 9.57 12.60 7.42
C THR A 76 10.34 13.68 6.67
N ASP A 77 11.68 13.60 6.67
CA ASP A 77 12.53 14.61 6.03
C ASP A 77 13.49 13.91 5.09
N PHE A 78 13.35 14.13 3.79
CA PHE A 78 14.14 13.43 2.80
C PHE A 78 14.66 14.41 1.75
N THR A 79 15.78 14.04 1.13
CA THR A 79 16.50 14.93 0.23
C THR A 79 16.92 14.14 -1.00
N LEU A 80 16.77 14.78 -2.16
CA LEU A 80 17.29 14.31 -3.44
C LEU A 80 18.49 15.17 -3.78
N ARG A 81 19.59 14.53 -4.13
CA ARG A 81 20.83 15.22 -4.45
C ARG A 81 21.26 14.89 -5.86
N ILE A 82 21.70 15.93 -6.56
CA ILE A 82 22.36 15.82 -7.85
C ILE A 82 23.78 16.29 -7.61
N SER A 83 24.75 15.40 -7.82
CA SER A 83 26.13 15.70 -7.47
C SER A 83 26.68 16.81 -8.35
N ARG A 84 26.47 16.69 -9.66
CA ARG A 84 26.81 17.74 -10.60
C ARG A 84 25.69 17.81 -11.64
N VAL A 85 25.03 18.97 -11.70
CA VAL A 85 23.90 19.16 -12.58
C VAL A 85 24.37 19.19 -14.04
N GLU A 86 23.57 18.58 -14.92
CA GLU A 86 23.82 18.69 -16.34
C GLU A 86 22.67 19.46 -16.96
N ALA A 87 22.90 19.97 -18.17
CA ALA A 87 21.90 20.83 -18.81
C ALA A 87 20.63 20.06 -19.09
N GLU A 88 20.74 18.75 -19.29
CA GLU A 88 19.53 18.00 -19.59
C GLU A 88 18.65 17.77 -18.38
N ASP A 89 19.05 18.23 -17.19
CA ASP A 89 18.32 17.98 -15.94
C ASP A 89 17.20 18.98 -15.69
N VAL A 90 17.05 20.00 -16.53
CA VAL A 90 15.97 20.95 -16.32
C VAL A 90 14.65 20.20 -16.38
N GLY A 91 13.74 20.57 -15.50
CA GLY A 91 12.48 19.86 -15.37
C GLY A 91 11.82 20.32 -14.08
N VAL A 92 10.68 19.71 -13.81
CA VAL A 92 9.96 19.90 -12.56
C VAL A 92 10.12 18.62 -11.75
N TYR A 93 10.73 18.73 -10.56
CA TYR A 93 11.00 17.59 -9.69
C TYR A 93 9.94 17.53 -8.59
N TYR A 94 9.39 16.33 -8.35
CA TYR A 94 8.31 16.13 -7.38
C TYR A 94 8.71 15.04 -6.39
N CYS A 95 8.48 15.30 -5.10
CA CYS A 95 8.53 14.24 -4.09
C CYS A 95 7.11 13.73 -3.85
N MET A 96 7.02 12.45 -3.52
CA MET A 96 5.75 11.78 -3.34
C MET A 96 5.83 10.92 -2.09
N GLN A 97 4.87 11.06 -1.20
CA GLN A 97 4.85 10.30 0.05
C GLN A 97 3.88 9.15 -0.05
N ARG A 98 4.38 7.94 0.17
CA ARG A 98 3.56 6.74 0.31
C ARG A 98 3.45 6.38 1.79
N ILE A 99 2.25 6.15 2.27
CA ILE A 99 2.05 5.86 3.68
C ILE A 99 1.58 4.41 3.77
N GLU A 100 2.49 3.50 4.12
CA GLU A 100 2.02 2.13 4.22
C GLU A 100 1.39 1.89 5.58
N PHE A 101 0.70 0.76 5.69
CA PHE A 101 0.32 0.24 6.98
C PHE A 101 0.42 -1.27 6.87
N PRO A 102 1.11 -1.94 7.78
CA PRO A 102 1.05 -3.40 7.83
C PRO A 102 -0.37 -3.92 8.02
N LEU A 103 -0.58 -5.12 7.54
CA LEU A 103 -1.89 -5.76 7.56
C LEU A 103 -2.23 -6.26 8.95
N THR A 104 -3.48 -6.05 9.36
CA THR A 104 -4.03 -6.66 10.56
C THR A 104 -4.91 -7.85 10.15
N PHE A 105 -4.77 -8.95 10.88
CA PHE A 105 -5.41 -10.21 10.53
C PHE A 105 -6.42 -10.62 11.58
N GLY A 106 -7.47 -11.34 11.15
CA GLY A 106 -8.36 -11.98 12.08
C GLY A 106 -7.72 -13.23 12.66
N GLY A 107 -8.34 -13.79 13.68
CA GLY A 107 -7.76 -14.95 14.37
C GLY A 107 -7.81 -16.27 13.60
N GLY A 108 -8.68 -16.36 12.59
CA GLY A 108 -8.81 -17.56 11.76
C GLY A 108 -10.04 -18.34 12.15
N THR A 109 -10.58 -19.09 11.18
CA THR A 109 -11.76 -19.95 11.39
C THR A 109 -11.49 -21.33 10.81
N LYS A 110 -11.33 -22.33 11.68
CA LYS A 110 -11.17 -23.69 11.19
C LYS A 110 -12.50 -24.17 10.64
N VAL A 111 -12.50 -24.53 9.35
CA VAL A 111 -13.67 -25.13 8.70
C VAL A 111 -13.38 -26.61 8.48
N GLU A 112 -14.18 -27.45 9.12
CA GLU A 112 -14.10 -28.90 9.02
C GLU A 112 -15.42 -29.44 8.49
N ILE A 113 -15.38 -30.68 8.02
CA ILE A 113 -16.54 -31.33 7.45
C ILE A 113 -16.80 -32.62 8.22
N LYS A 114 -17.92 -33.27 7.91
CA LYS A 114 -18.30 -34.51 8.60
C LYS A 114 -17.87 -35.73 7.80
N ASP B 2 -3.27 1.15 17.18
CA ASP B 2 -3.50 -0.24 16.80
C ASP B 2 -4.88 -0.43 16.18
N VAL B 3 -5.13 -1.64 15.69
CA VAL B 3 -6.41 -2.02 15.09
C VAL B 3 -6.63 -3.50 15.37
N VAL B 4 -7.82 -3.84 15.84
CA VAL B 4 -8.16 -5.19 16.26
C VAL B 4 -9.23 -5.74 15.33
N MET B 5 -9.04 -6.99 14.90
CA MET B 5 -9.95 -7.69 14.00
C MET B 5 -10.60 -8.84 14.72
N THR B 6 -11.92 -8.90 14.65
CA THR B 6 -12.69 -9.97 15.25
C THR B 6 -13.31 -10.80 14.14
N GLN B 7 -12.91 -12.06 14.09
CA GLN B 7 -13.44 -13.04 13.15
C GLN B 7 -14.33 -14.01 13.92
N THR B 8 -15.52 -14.26 13.37
CA THR B 8 -16.60 -15.04 13.98
C THR B 8 -17.09 -16.05 12.95
N PRO B 9 -17.28 -17.34 13.30
CA PRO B 9 -17.03 -18.11 14.52
C PRO B 9 -15.58 -18.55 14.58
N LEU B 10 -15.16 -19.21 15.66
CA LEU B 10 -13.81 -19.71 15.71
C LEU B 10 -13.63 -21.02 14.96
N SER B 11 -14.69 -21.80 14.80
CA SER B 11 -14.55 -23.07 14.14
C SER B 11 -15.89 -23.44 13.54
N LEU B 12 -15.84 -24.23 12.46
CA LEU B 12 -17.05 -24.65 11.77
C LEU B 12 -16.98 -26.14 11.53
N SER B 13 -18.01 -26.83 11.99
CA SER B 13 -18.25 -28.23 11.65
C SER B 13 -19.52 -28.21 10.81
N VAL B 14 -19.39 -28.55 9.55
CA VAL B 14 -20.47 -28.38 8.60
C VAL B 14 -20.85 -29.73 8.01
N THR B 15 -22.09 -29.83 7.57
CA THR B 15 -22.29 -31.09 6.87
C THR B 15 -22.18 -30.86 5.37
N PRO B 16 -21.56 -31.79 4.64
CA PRO B 16 -21.33 -31.55 3.21
C PRO B 16 -22.64 -31.19 2.50
N GLY B 17 -22.55 -30.20 1.61
CA GLY B 17 -23.71 -29.69 0.90
C GLY B 17 -24.34 -28.46 1.51
N GLU B 18 -24.10 -28.21 2.78
CA GLU B 18 -24.68 -27.13 3.56
C GLU B 18 -23.86 -25.84 3.48
N PRO B 19 -24.52 -24.67 3.52
CA PRO B 19 -23.81 -23.39 3.47
C PRO B 19 -23.05 -23.12 4.76
N ALA B 20 -22.13 -22.16 4.66
CA ALA B 20 -21.32 -21.70 5.79
C ALA B 20 -21.12 -20.21 5.61
N SER B 21 -20.84 -19.54 6.73
CA SER B 21 -20.76 -18.09 6.76
C SER B 21 -19.73 -17.71 7.81
N ILE B 22 -18.81 -16.83 7.44
CA ILE B 22 -17.76 -16.34 8.35
C ILE B 22 -17.75 -14.83 8.29
N SER B 23 -17.68 -14.19 9.45
CA SER B 23 -17.81 -12.75 9.56
C SER B 23 -16.53 -12.15 10.12
N CYS B 24 -16.24 -10.94 9.70
CA CYS B 24 -15.05 -10.25 10.11
C CYS B 24 -15.42 -8.80 10.35
N ARG B 25 -14.96 -8.26 11.47
CA ARG B 25 -15.25 -6.90 11.86
C ARG B 25 -13.96 -6.23 12.31
N SER B 26 -13.81 -4.97 11.95
CA SER B 26 -12.59 -4.24 12.22
C SER B 26 -12.92 -3.05 13.12
N THR B 27 -11.94 -2.63 13.91
CA THR B 27 -12.11 -1.55 14.85
C THR B 27 -11.36 -0.28 14.41
N GLN B 28 -11.19 -0.12 13.09
CA GLN B 28 -10.53 1.08 12.55
C GLN B 28 -11.35 2.35 12.81
N ASP B 32 -7.23 8.76 10.90
CA ASP B 32 -8.27 8.79 11.94
C ASP B 32 -9.63 8.36 11.39
N SER B 33 -9.66 7.16 10.78
CA SER B 33 -10.90 6.51 10.33
C SER B 33 -11.67 7.32 9.29
N ASP B 34 -11.15 8.49 8.89
CA ASP B 34 -11.68 9.28 7.78
C ASP B 34 -10.71 9.34 6.61
N GLY B 35 -9.47 9.76 6.84
CA GLY B 35 -8.44 9.63 5.83
C GLY B 35 -7.96 8.20 5.76
N VAL B 36 -8.92 7.27 5.67
CA VAL B 36 -8.69 5.84 5.71
C VAL B 36 -9.84 5.14 4.99
N ASN B 37 -9.55 4.27 4.04
CA ASN B 37 -10.57 3.37 3.49
C ASN B 37 -10.02 1.95 3.57
N PRO B 38 -10.57 1.11 4.43
CA PRO B 38 -10.07 -0.27 4.55
C PRO B 38 -10.66 -1.21 3.52
N SER B 39 -9.87 -2.23 3.21
CA SER B 39 -10.23 -3.26 2.26
C SER B 39 -10.00 -4.62 2.94
N PHE B 40 -10.87 -5.58 2.62
CA PHE B 40 -10.84 -6.86 3.31
C PHE B 40 -10.56 -7.97 2.31
N ASP B 41 -9.56 -8.79 2.62
CA ASP B 41 -9.22 -9.96 1.84
C ASP B 41 -9.51 -11.21 2.68
N TRP B 42 -9.82 -12.30 2.01
CA TRP B 42 -10.02 -13.59 2.65
C TRP B 42 -9.02 -14.58 2.05
N TYR B 43 -8.27 -15.27 2.93
CA TYR B 43 -7.34 -16.33 2.58
C TYR B 43 -7.83 -17.63 3.22
N VAL B 44 -7.45 -18.76 2.63
CA VAL B 44 -7.66 -20.05 3.25
C VAL B 44 -6.34 -20.81 3.23
N GLN B 45 -6.02 -21.46 4.33
CA GLN B 45 -4.90 -22.40 4.34
C GLN B 45 -5.50 -23.79 4.43
N LYS B 46 -5.23 -24.61 3.43
CA LYS B 46 -5.72 -25.97 3.44
C LYS B 46 -4.62 -26.89 3.93
N PRO B 47 -4.97 -28.07 4.46
CA PRO B 47 -3.95 -28.99 5.00
C PRO B 47 -2.89 -29.32 3.97
N GLY B 48 -1.63 -29.17 4.37
CA GLY B 48 -0.53 -29.48 3.47
C GLY B 48 -0.17 -28.38 2.49
N GLN B 49 -0.92 -27.28 2.48
CA GLN B 49 -0.64 -26.17 1.59
C GLN B 49 -0.38 -24.90 2.40
N SER B 50 0.32 -23.95 1.75
CA SER B 50 0.48 -22.59 2.22
C SER B 50 -0.82 -21.80 2.04
N PRO B 51 -0.98 -20.67 2.71
CA PRO B 51 -2.21 -19.89 2.52
C PRO B 51 -2.32 -19.41 1.09
N GLN B 52 -3.56 -19.30 0.62
CA GLN B 52 -3.87 -18.86 -0.73
C GLN B 52 -4.99 -17.84 -0.70
N LEU B 53 -4.90 -16.83 -1.58
CA LEU B 53 -5.93 -15.81 -1.64
C LEU B 53 -7.24 -16.39 -2.17
N LEU B 54 -8.33 -16.02 -1.50
CA LEU B 54 -9.67 -16.46 -1.84
C LEU B 54 -10.54 -15.35 -2.38
N ILE B 55 -10.70 -14.27 -1.61
CA ILE B 55 -11.53 -13.13 -1.98
C ILE B 55 -10.65 -11.90 -1.79
N HIS B 56 -10.66 -11.01 -2.78
CA HIS B 56 -9.87 -9.80 -2.74
C HIS B 56 -10.80 -8.61 -2.66
N ARG B 57 -10.46 -7.63 -1.83
CA ARG B 57 -11.22 -6.38 -1.69
C ARG B 57 -12.72 -6.65 -1.49
N GLY B 58 -13.04 -7.47 -0.51
CA GLY B 58 -14.41 -7.67 -0.10
C GLY B 58 -15.20 -8.59 -1.01
N PHE B 59 -15.09 -8.42 -2.32
CA PHE B 59 -16.07 -9.00 -3.26
C PHE B 59 -15.47 -9.85 -4.37
N TYR B 60 -14.21 -9.71 -4.71
CA TYR B 60 -13.71 -10.30 -5.95
C TYR B 60 -13.01 -11.61 -5.68
N ARG B 61 -13.37 -12.64 -6.44
CA ARG B 61 -12.81 -13.96 -6.25
C ARG B 61 -11.46 -14.05 -6.94
N ALA B 62 -10.55 -14.80 -6.34
CA ALA B 62 -9.26 -15.07 -6.93
C ALA B 62 -9.41 -16.01 -8.12
N SER B 63 -8.36 -16.11 -8.92
CA SER B 63 -8.37 -17.00 -10.06
C SER B 63 -8.55 -18.43 -9.57
N GLY B 64 -9.50 -19.15 -10.18
CA GLY B 64 -9.70 -20.54 -9.82
C GLY B 64 -10.53 -20.78 -8.58
N VAL B 65 -11.05 -19.74 -7.94
CA VAL B 65 -11.93 -19.94 -6.78
C VAL B 65 -13.35 -20.23 -7.28
N PRO B 66 -13.99 -21.31 -6.82
CA PRO B 66 -15.35 -21.63 -7.28
C PRO B 66 -16.36 -20.55 -6.95
N ASP B 67 -17.38 -20.44 -7.82
CA ASP B 67 -18.38 -19.41 -7.56
C ASP B 67 -19.22 -19.74 -6.34
N ARG B 68 -18.92 -20.84 -5.63
CA ARG B 68 -19.58 -21.12 -4.36
C ARG B 68 -19.15 -20.16 -3.25
N PHE B 69 -18.04 -19.47 -3.44
CA PHE B 69 -17.54 -18.47 -2.49
C PHE B 69 -17.98 -17.08 -2.92
N SER B 70 -18.54 -16.31 -2.00
CA SER B 70 -18.87 -14.93 -2.30
C SER B 70 -18.61 -14.09 -1.06
N GLY B 71 -18.54 -12.77 -1.25
CA GLY B 71 -18.35 -11.87 -0.14
C GLY B 71 -19.39 -10.77 -0.17
N SER B 72 -19.59 -10.16 0.99
CA SER B 72 -20.47 -9.00 1.08
C SER B 72 -20.04 -8.18 2.26
N GLY B 73 -20.47 -6.94 2.29
CA GLY B 73 -20.21 -6.11 3.44
C GLY B 73 -19.91 -4.70 3.03
N SER B 74 -19.50 -3.91 4.02
CA SER B 74 -19.22 -2.49 3.82
C SER B 74 -18.51 -1.96 5.05
N GLY B 75 -17.76 -0.88 4.86
CA GLY B 75 -17.10 -0.23 5.96
C GLY B 75 -16.04 -1.08 6.61
N THR B 76 -16.30 -1.48 7.86
CA THR B 76 -15.41 -2.36 8.61
C THR B 76 -16.06 -3.70 8.92
N ASP B 77 -17.12 -4.07 8.19
CA ASP B 77 -17.79 -5.34 8.47
C ASP B 77 -18.00 -6.10 7.16
N PHE B 78 -17.39 -7.30 7.06
CA PHE B 78 -17.47 -8.07 5.84
C PHE B 78 -17.71 -9.54 6.18
N THR B 79 -18.32 -10.25 5.25
CA THR B 79 -18.69 -11.64 5.45
C THR B 79 -18.36 -12.45 4.21
N LEU B 80 -17.82 -13.65 4.44
CA LEU B 80 -17.56 -14.65 3.42
C LEU B 80 -18.64 -15.74 3.52
N ARG B 81 -19.25 -16.08 2.39
CA ARG B 81 -20.26 -17.12 2.38
C ARG B 81 -19.80 -18.23 1.45
N ILE B 82 -19.95 -19.47 1.92
CA ILE B 82 -19.75 -20.66 1.10
C ILE B 82 -21.14 -21.27 0.90
N SER B 83 -21.59 -21.34 -0.36
CA SER B 83 -22.98 -21.70 -0.64
C SER B 83 -23.25 -23.16 -0.32
N ARG B 84 -22.39 -24.05 -0.77
CA ARG B 84 -22.44 -25.49 -0.46
C ARG B 84 -21.03 -25.89 -0.12
N VAL B 85 -20.80 -26.29 1.13
CA VAL B 85 -19.46 -26.67 1.56
C VAL B 85 -19.14 -28.05 1.00
N GLU B 86 -17.97 -28.20 0.41
CA GLU B 86 -17.50 -29.47 -0.11
C GLU B 86 -16.22 -29.88 0.59
N ALA B 87 -15.81 -31.12 0.36
CA ALA B 87 -14.65 -31.65 1.07
C ALA B 87 -13.36 -30.92 0.70
N GLU B 88 -13.26 -30.41 -0.52
CA GLU B 88 -12.05 -29.67 -0.88
C GLU B 88 -11.99 -28.28 -0.22
N ASP B 89 -13.02 -27.89 0.53
CA ASP B 89 -13.08 -26.59 1.20
C ASP B 89 -12.50 -26.59 2.60
N VAL B 90 -12.15 -27.76 3.16
CA VAL B 90 -11.67 -27.85 4.54
C VAL B 90 -10.37 -27.06 4.70
N GLY B 91 -10.27 -26.33 5.80
CA GLY B 91 -9.11 -25.47 5.99
C GLY B 91 -9.34 -24.50 7.12
N VAL B 92 -8.35 -23.63 7.32
CA VAL B 92 -8.46 -22.50 8.25
C VAL B 92 -8.57 -21.22 7.41
N TYR B 93 -9.68 -20.50 7.60
CA TYR B 93 -9.95 -19.28 6.82
C TYR B 93 -9.62 -18.03 7.64
N TYR B 94 -8.94 -17.08 7.00
CA TYR B 94 -8.53 -15.84 7.63
C TYR B 94 -9.03 -14.64 6.83
N CYS B 95 -9.53 -13.63 7.53
CA CYS B 95 -9.76 -12.30 6.97
C CYS B 95 -8.57 -11.41 7.31
N MET B 96 -8.28 -10.47 6.41
CA MET B 96 -7.14 -9.57 6.52
C MET B 96 -7.57 -8.19 6.06
N GLN B 97 -7.26 -7.16 6.85
CA GLN B 97 -7.58 -5.79 6.47
C GLN B 97 -6.35 -5.08 5.97
N ARG B 98 -6.43 -4.52 4.76
CA ARG B 98 -5.45 -3.64 4.17
C ARG B 98 -5.93 -2.20 4.25
N ILE B 99 -5.05 -1.30 4.67
CA ILE B 99 -5.39 0.11 4.82
C ILE B 99 -4.62 0.86 3.75
N GLU B 100 -5.30 1.22 2.68
CA GLU B 100 -4.60 2.03 1.72
C GLU B 100 -4.64 3.48 2.17
N PHE B 101 -3.78 4.28 1.56
CA PHE B 101 -3.91 5.69 1.68
C PHE B 101 -3.50 6.22 0.32
N PRO B 102 -4.31 7.10 -0.28
CA PRO B 102 -3.86 7.80 -1.49
C PRO B 102 -2.59 8.59 -1.23
N LEU B 103 -1.78 8.69 -2.28
CA LEU B 103 -0.48 9.35 -2.22
C LEU B 103 -0.62 10.86 -2.20
N THR B 104 0.19 11.49 -1.36
CA THR B 104 0.32 12.94 -1.31
C THR B 104 1.57 13.39 -2.07
N PHE B 105 1.46 14.51 -2.80
CA PHE B 105 2.57 15.05 -3.59
C PHE B 105 2.99 16.42 -3.05
N GLY B 106 4.27 16.72 -3.13
CA GLY B 106 4.71 18.07 -2.87
C GLY B 106 4.46 18.95 -4.09
N GLY B 107 4.67 20.25 -3.93
CA GLY B 107 4.56 21.12 -5.08
C GLY B 107 5.72 20.82 -6.01
N GLY B 108 5.69 21.38 -7.20
CA GLY B 108 6.82 21.17 -8.08
C GLY B 108 8.09 21.83 -7.56
N THR B 109 9.24 21.39 -8.06
CA THR B 109 10.48 22.17 -7.95
C THR B 109 10.93 22.35 -9.39
N LYS B 110 10.68 23.55 -9.92
CA LYS B 110 11.14 23.90 -11.26
C LYS B 110 12.65 24.06 -11.23
N VAL B 111 13.35 23.21 -11.97
CA VAL B 111 14.80 23.33 -12.08
C VAL B 111 15.07 23.93 -13.45
N GLU B 112 15.60 25.16 -13.44
CA GLU B 112 15.98 25.86 -14.66
C GLU B 112 17.47 26.14 -14.58
N ILE B 113 18.08 26.41 -15.74
CA ILE B 113 19.52 26.58 -15.80
C ILE B 113 19.78 27.99 -16.30
N LYS B 114 20.41 28.80 -15.45
CA LYS B 114 20.72 30.18 -15.81
C LYS B 114 22.21 30.37 -16.14
#